data_9C27
#
_entry.id   9C27
#
_cell.length_a   1.00
_cell.length_b   1.00
_cell.length_c   1.00
_cell.angle_alpha   90.00
_cell.angle_beta   90.00
_cell.angle_gamma   90.00
#
_symmetry.space_group_name_H-M   'P 1'
#
_entity_poly.entity_id   1
_entity_poly.type   'polypeptide(L)'
_entity_poly.pdbx_seq_one_letter_code
;MTSVNSAEASTGAGGGGSNPVKSMWSEGATFSANSVTCTFSRQFLIPYDPEHHYKVFSPAASSCHNASGKEAKVCTISPI
MGYSTPWRYLDFNALNLFFSPLEFQHLIENYGSIAPDALTVTISEIAVKDVTDKTGGGVQVTDSTTGRLCMLVDHEYKYP
YVLGQGQDTLAPELPIWVYFPPQYAYLTVGDVNTQGISGDSKKLASEESAFYVLEHSSFQLLGTGGTATMSYKFPPVPPE
NLEGCSQHFYEMYNPLYGSRLGVPDTLGGDPKFRSLTHEDHAIQPQNFMPGPLVNSVSTKEGDSSNTGAGKALTGLSTGT
SQNTRISLRPGPVSQPYHHWDTDKYVTGINAISHGQTTYGNAEDKEYQQGVGRFPNEKEQLKQLQGLNMHTYFPNKGTQQ
YTDQIERPLMVGSVWNRRALHYESQLWSKIPNLDDSFKTQFAALGGWGLHQPPPQIFLKILPQSGPIGGIKSMGITTLVQ
YAVGIMTVTMTFKLGPRKATGRWNPQPGVYPPHAAGHLPYVLYDPTATDAKQHHRHGYEKPEELWTAKSRVHPL
;
_entity_poly.pdbx_strand_id   A
#
# COMPACT_ATOMS: atom_id res chain seq x y z
N THR A 2 -7.58 -56.40 24.29
CA THR A 2 -7.84 -55.28 25.19
C THR A 2 -7.78 -53.95 24.44
N SER A 3 -8.41 -52.93 25.01
CA SER A 3 -8.47 -51.61 24.40
C SER A 3 -8.58 -50.56 25.50
N VAL A 4 -8.03 -49.37 25.23
CA VAL A 4 -8.22 -48.24 26.12
C VAL A 4 -9.69 -47.83 26.18
N ASN A 5 -10.46 -48.11 25.12
CA ASN A 5 -11.91 -47.90 25.16
C ASN A 5 -12.62 -48.72 26.22
N SER A 6 -11.95 -49.72 26.81
CA SER A 6 -12.57 -50.53 27.85
C SER A 6 -12.95 -49.70 29.08
N ALA A 7 -12.21 -48.64 29.36
CA ALA A 7 -12.65 -47.62 30.29
C ALA A 7 -13.32 -46.47 29.53
N GLU A 8 -14.60 -46.24 29.82
CA GLU A 8 -15.41 -45.38 28.96
C GLU A 8 -15.07 -43.90 29.18
N ALA A 9 -14.57 -43.54 30.35
CA ALA A 9 -14.16 -42.17 30.64
C ALA A 9 -12.65 -41.98 30.51
N SER A 10 -11.99 -42.81 29.72
CA SER A 10 -10.55 -42.71 29.52
C SER A 10 -10.24 -42.46 28.06
N THR A 11 -9.19 -41.68 27.81
CA THR A 11 -8.66 -41.46 26.48
C THR A 11 -7.25 -42.00 26.39
N GLY A 12 -6.88 -42.48 25.20
CA GLY A 12 -5.51 -42.82 24.93
C GLY A 12 -4.60 -41.59 24.97
N ALA A 13 -3.35 -41.81 25.33
CA ALA A 13 -2.35 -40.76 25.39
C ALA A 13 -1.08 -41.18 24.67
N GLY A 14 -0.55 -40.27 23.86
CA GLY A 14 0.62 -40.51 23.04
C GLY A 14 1.94 -40.08 23.62
N GLY A 15 1.95 -39.52 24.84
CA GLY A 15 3.20 -39.18 25.51
C GLY A 15 4.08 -38.19 24.78
N GLY A 16 3.50 -37.12 24.24
CA GLY A 16 4.26 -36.14 23.49
C GLY A 16 5.27 -35.36 24.33
N GLY A 17 6.08 -34.57 23.63
CA GLY A 17 7.17 -33.83 24.24
C GLY A 17 6.75 -32.57 24.96
N SER A 18 7.68 -32.02 25.74
CA SER A 18 7.48 -30.81 26.53
C SER A 18 8.47 -29.74 26.09
N ASN A 19 8.03 -28.49 26.11
CA ASN A 19 8.87 -27.37 25.67
C ASN A 19 8.55 -26.10 26.45
N PRO A 20 9.18 -25.91 27.60
CA PRO A 20 8.76 -24.84 28.53
C PRO A 20 9.24 -23.45 28.12
N VAL A 21 9.20 -23.15 26.83
CA VAL A 21 9.60 -21.84 26.32
C VAL A 21 8.53 -20.80 26.63
N LYS A 22 8.97 -19.59 26.93
CA LYS A 22 8.12 -18.40 26.97
C LYS A 22 8.43 -17.50 25.78
N SER A 23 7.38 -17.07 25.08
CA SER A 23 7.49 -16.09 24.01
C SER A 23 6.37 -15.06 24.15
N MET A 24 6.54 -13.93 23.49
CA MET A 24 5.58 -12.84 23.54
C MET A 24 4.78 -12.78 22.24
N TRP A 25 3.48 -12.52 22.37
CA TRP A 25 2.69 -11.88 21.33
C TRP A 25 2.78 -10.37 21.51
N SER A 26 3.54 -9.70 20.67
CA SER A 26 3.79 -8.27 20.79
C SER A 26 2.86 -7.50 19.86
N GLU A 27 1.99 -6.67 20.45
CA GLU A 27 1.08 -5.85 19.68
C GLU A 27 0.80 -4.55 20.43
N GLY A 28 0.48 -3.51 19.67
CA GLY A 28 0.08 -2.21 20.18
C GLY A 28 0.97 -1.06 19.77
N ALA A 29 0.41 0.14 19.79
CA ALA A 29 1.16 1.38 19.61
C ALA A 29 1.51 1.99 20.96
N THR A 30 2.79 2.25 21.18
CA THR A 30 3.25 3.07 22.29
C THR A 30 3.55 4.47 21.76
N PHE A 31 2.71 5.44 22.13
CA PHE A 31 2.92 6.83 21.78
C PHE A 31 3.88 7.53 22.74
N SER A 32 4.61 8.50 22.20
CA SER A 32 5.43 9.42 22.98
C SER A 32 5.28 10.81 22.39
N ALA A 33 5.86 11.81 23.06
CA ALA A 33 5.75 13.18 22.59
C ALA A 33 6.21 13.34 21.14
N ASN A 34 7.25 12.61 20.75
CA ASN A 34 7.90 12.85 19.47
C ASN A 34 7.88 11.64 18.55
N SER A 35 7.29 10.53 18.97
CA SER A 35 7.27 9.33 18.15
C SER A 35 6.21 8.37 18.67
N VAL A 36 5.87 7.41 17.83
CA VAL A 36 5.08 6.25 18.23
C VAL A 36 5.82 5.00 17.78
N THR A 37 5.86 3.99 18.63
CA THR A 37 6.33 2.67 18.26
C THR A 37 5.14 1.74 18.10
N CYS A 38 4.91 1.27 16.87
CA CYS A 38 3.77 0.42 16.55
C CYS A 38 4.25 -1.00 16.32
N THR A 39 3.70 -1.94 17.07
CA THR A 39 3.99 -3.34 16.86
C THR A 39 2.69 -4.08 16.52
N PHE A 40 2.76 -4.93 15.49
CA PHE A 40 1.72 -5.91 15.25
C PHE A 40 2.35 -7.29 15.11
N SER A 41 1.58 -8.31 15.45
CA SER A 41 1.95 -9.70 15.23
C SER A 41 0.88 -10.39 14.43
N ARG A 42 1.30 -11.27 13.52
CA ARG A 42 0.40 -12.18 12.84
C ARG A 42 1.03 -13.56 12.87
N GLN A 43 0.21 -14.57 13.08
CA GLN A 43 0.59 -15.91 12.65
C GLN A 43 0.66 -15.95 11.13
N PHE A 44 1.71 -16.57 10.62
CA PHE A 44 1.81 -16.82 9.19
C PHE A 44 1.88 -18.32 8.94
N LEU A 45 1.48 -18.71 7.73
CA LEU A 45 1.62 -20.08 7.27
C LEU A 45 2.26 -20.07 5.88
N ILE A 46 3.26 -20.92 5.70
CA ILE A 46 3.91 -21.14 4.41
C ILE A 46 3.56 -22.56 3.97
N PRO A 47 2.91 -22.74 2.82
CA PRO A 47 2.36 -24.05 2.48
C PRO A 47 3.43 -25.03 2.05
N TYR A 48 3.07 -26.31 2.10
CA TYR A 48 3.84 -27.32 1.41
C TYR A 48 3.88 -27.02 -0.09
N ASP A 49 5.09 -26.89 -0.61
CA ASP A 49 5.32 -26.85 -2.05
C ASP A 49 5.89 -28.19 -2.50
N PRO A 50 5.16 -28.96 -3.31
CA PRO A 50 5.62 -30.32 -3.63
C PRO A 50 6.77 -30.35 -4.62
N GLU A 51 6.95 -29.29 -5.41
CA GLU A 51 8.03 -29.25 -6.39
C GLU A 51 8.51 -27.81 -6.47
N HIS A 52 9.74 -27.58 -5.99
CA HIS A 52 10.29 -26.23 -5.85
C HIS A 52 10.80 -25.69 -7.19
N HIS A 53 9.92 -25.69 -8.17
CA HIS A 53 10.28 -25.23 -9.50
C HIS A 53 10.41 -23.72 -9.54
N TYR A 54 11.42 -23.24 -10.26
CA TYR A 54 11.35 -21.92 -10.88
C TYR A 54 10.60 -22.03 -12.20
N LYS A 55 9.68 -21.10 -12.44
CA LYS A 55 8.93 -21.05 -13.68
C LYS A 55 9.07 -19.70 -14.34
N VAL A 56 9.15 -19.71 -15.67
CA VAL A 56 9.06 -18.48 -16.45
C VAL A 56 7.60 -18.07 -16.59
N PHE A 57 7.29 -16.85 -16.14
CA PHE A 57 5.99 -16.23 -16.33
C PHE A 57 5.97 -15.58 -17.71
N SER A 58 5.20 -16.14 -18.64
CA SER A 58 5.28 -15.73 -20.05
C SER A 58 3.91 -15.82 -20.71
N PRO A 59 3.05 -14.83 -20.47
CA PRO A 59 1.79 -14.74 -21.22
C PRO A 59 2.03 -14.32 -22.66
N ALA A 60 1.12 -14.73 -23.54
CA ALA A 60 1.13 -14.22 -24.91
C ALA A 60 0.45 -12.86 -24.99
N ALA A 61 0.75 -12.14 -26.07
CA ALA A 61 0.05 -10.92 -26.43
C ALA A 61 -0.45 -10.99 -27.87
N SER A 62 -1.56 -10.31 -28.13
CA SER A 62 -2.26 -10.44 -29.41
C SER A 62 -3.01 -9.16 -29.76
N LYS A 73 -10.13 -3.90 -25.68
CA LYS A 73 -8.95 -4.71 -25.45
C LYS A 73 -7.69 -3.86 -25.53
N VAL A 74 -6.98 -3.74 -24.42
CA VAL A 74 -5.69 -3.05 -24.37
C VAL A 74 -4.65 -4.01 -23.82
N CYS A 75 -3.59 -4.23 -24.58
CA CYS A 75 -2.40 -4.90 -24.09
C CYS A 75 -1.45 -3.88 -23.48
N THR A 76 -0.50 -4.38 -22.68
CA THR A 76 0.67 -3.59 -22.33
C THR A 76 1.46 -3.24 -23.59
N ILE A 77 2.39 -2.30 -23.43
CA ILE A 77 3.15 -1.80 -24.57
C ILE A 77 3.92 -2.92 -25.26
N SER A 78 4.42 -3.87 -24.49
CA SER A 78 4.94 -5.13 -25.01
C SER A 78 4.49 -6.26 -24.09
N PRO A 79 4.53 -7.51 -24.56
CA PRO A 79 4.19 -8.62 -23.68
C PRO A 79 5.16 -8.69 -22.50
N ILE A 80 4.61 -8.92 -21.32
CA ILE A 80 5.44 -9.02 -20.13
C ILE A 80 6.04 -10.41 -20.04
N MET A 81 7.20 -10.51 -19.41
CA MET A 81 7.80 -11.79 -19.09
C MET A 81 8.49 -11.67 -17.74
N GLY A 82 8.46 -12.76 -16.99
CA GLY A 82 9.09 -12.77 -15.70
C GLY A 82 9.40 -14.17 -15.23
N TYR A 83 9.74 -14.27 -13.95
CA TYR A 83 9.99 -15.55 -13.32
C TYR A 83 9.22 -15.66 -12.02
N SER A 84 8.66 -16.84 -11.78
CA SER A 84 8.07 -17.22 -10.51
C SER A 84 9.01 -18.14 -9.75
N THR A 85 9.21 -17.87 -8.47
CA THR A 85 10.15 -18.64 -7.67
C THR A 85 9.41 -19.48 -6.64
N PRO A 86 10.04 -20.51 -6.07
CA PRO A 86 9.43 -21.24 -4.95
C PRO A 86 9.46 -20.49 -3.63
N TRP A 87 10.02 -19.30 -3.57
CA TRP A 87 10.10 -18.54 -2.34
C TRP A 87 8.82 -17.76 -2.09
N ARG A 88 8.48 -17.62 -0.81
CA ARG A 88 7.49 -16.65 -0.36
C ARG A 88 8.22 -15.41 0.15
N TYR A 89 7.47 -14.33 0.31
CA TYR A 89 8.00 -13.12 0.93
C TYR A 89 6.93 -12.47 1.79
N LEU A 90 7.38 -11.60 2.69
CA LEU A 90 6.52 -10.89 3.64
C LEU A 90 6.15 -9.52 3.12
N ASP A 91 4.86 -9.21 3.10
CA ASP A 91 4.37 -7.89 2.75
C ASP A 91 3.53 -7.34 3.90
N PHE A 92 4.01 -6.25 4.52
CA PHE A 92 3.35 -5.55 5.60
C PHE A 92 3.31 -4.04 5.32
N ASN A 93 3.33 -3.68 4.04
CA ASN A 93 3.41 -2.29 3.59
C ASN A 93 2.04 -1.61 3.58
N ALA A 94 1.44 -1.52 4.76
CA ALA A 94 0.21 -0.74 4.91
C ALA A 94 0.10 -0.18 6.32
N LEU A 95 -0.32 1.09 6.39
CA LEU A 95 -0.34 1.81 7.66
C LEU A 95 -1.29 1.17 8.68
N ASN A 96 -2.49 0.79 8.24
CA ASN A 96 -3.49 0.19 9.11
C ASN A 96 -3.07 -1.12 9.76
N LEU A 97 -1.99 -1.76 9.30
CA LEU A 97 -1.45 -2.89 10.04
C LEU A 97 -0.83 -2.44 11.35
N PHE A 98 -0.21 -1.26 11.36
CA PHE A 98 0.53 -0.80 12.51
C PHE A 98 -0.36 -0.14 13.57
N PHE A 99 -1.47 0.46 13.16
CA PHE A 99 -2.39 1.12 14.09
C PHE A 99 -3.72 0.39 14.09
N SER A 100 -4.18 0.01 15.30
CA SER A 100 -5.60 -0.22 15.50
C SER A 100 -6.39 1.05 15.15
N PRO A 101 -7.68 0.92 14.85
CA PRO A 101 -8.50 2.12 14.61
C PRO A 101 -8.46 3.14 15.73
N LEU A 102 -8.43 2.71 16.99
CA LEU A 102 -8.27 3.64 18.10
C LEU A 102 -6.92 4.35 18.05
N GLU A 103 -5.84 3.60 17.84
CA GLU A 103 -4.50 4.20 17.81
C GLU A 103 -4.34 5.19 16.66
N PHE A 104 -4.93 4.90 15.49
CA PHE A 104 -4.90 5.86 14.39
C PHE A 104 -5.68 7.13 14.70
N GLN A 105 -6.87 7.00 15.31
CA GLN A 105 -7.56 8.16 15.84
C GLN A 105 -6.66 8.98 16.78
N HIS A 106 -5.99 8.30 17.71
CA HIS A 106 -5.08 8.98 18.63
C HIS A 106 -3.94 9.68 17.91
N LEU A 107 -3.36 9.02 16.90
CA LEU A 107 -2.33 9.65 16.06
C LEU A 107 -2.82 10.96 15.43
N ILE A 108 -3.92 10.90 14.69
CA ILE A 108 -4.40 12.07 13.97
C ILE A 108 -5.02 13.13 14.87
N GLU A 109 -5.49 12.75 16.07
CA GLU A 109 -5.99 13.74 17.03
C GLU A 109 -4.88 14.52 17.72
N ASN A 110 -3.68 13.97 17.86
CA ASN A 110 -2.71 14.50 18.80
C ASN A 110 -1.40 14.97 18.20
N TYR A 111 -1.18 14.78 16.90
CA TYR A 111 0.11 15.04 16.29
C TYR A 111 -0.05 15.78 14.97
N GLY A 112 0.90 16.65 14.68
CA GLY A 112 0.85 17.46 13.49
C GLY A 112 1.43 16.82 12.24
N SER A 113 2.32 15.84 12.40
CA SER A 113 2.90 15.18 11.25
C SER A 113 3.41 13.81 11.63
N ILE A 114 3.62 12.97 10.61
CA ILE A 114 4.14 11.62 10.79
C ILE A 114 5.17 11.34 9.70
N ALA A 115 6.26 10.68 10.08
CA ALA A 115 7.22 10.13 9.14
C ALA A 115 7.68 8.76 9.61
N PRO A 116 7.99 7.86 8.69
CA PRO A 116 8.61 6.59 9.09
C PRO A 116 10.02 6.79 9.61
N ASP A 117 10.37 6.05 10.66
CA ASP A 117 11.68 6.17 11.27
C ASP A 117 12.48 4.88 11.23
N ALA A 118 11.96 3.80 11.78
CA ALA A 118 12.69 2.55 11.85
C ALA A 118 11.73 1.37 11.80
N LEU A 119 12.24 0.23 11.35
CA LEU A 119 11.45 -0.98 11.22
C LEU A 119 12.25 -2.15 11.80
N THR A 120 11.56 -3.01 12.55
CA THR A 120 12.08 -4.32 12.92
C THR A 120 11.06 -5.38 12.56
N VAL A 121 11.51 -6.42 11.87
CA VAL A 121 10.70 -7.61 11.62
C VAL A 121 11.31 -8.77 12.37
N THR A 122 10.52 -9.41 13.24
CA THR A 122 10.93 -10.63 13.91
C THR A 122 10.05 -11.77 13.47
N ILE A 123 10.67 -12.85 12.98
CA ILE A 123 10.01 -14.11 12.78
C ILE A 123 10.30 -14.97 14.01
N SER A 124 9.26 -15.44 14.69
CA SER A 124 9.44 -16.25 15.88
C SER A 124 8.41 -17.37 15.91
N GLU A 125 8.60 -18.29 16.87
CA GLU A 125 7.71 -19.45 17.02
C GLU A 125 7.60 -20.27 15.74
N ILE A 126 8.69 -20.30 14.97
CA ILE A 126 8.70 -21.11 13.75
C ILE A 126 8.39 -22.54 14.13
N ALA A 127 7.47 -23.16 13.39
CA ALA A 127 7.29 -24.59 13.42
C ALA A 127 7.25 -25.10 11.99
N VAL A 128 8.24 -25.90 11.60
CA VAL A 128 8.12 -26.71 10.41
C VAL A 128 7.36 -27.97 10.82
N LYS A 129 6.22 -28.19 10.20
CA LYS A 129 5.30 -29.24 10.61
C LYS A 129 5.26 -30.33 9.54
N ASP A 130 5.63 -31.56 9.95
CA ASP A 130 5.38 -32.74 9.14
C ASP A 130 3.88 -33.04 9.06
N VAL A 131 3.48 -33.58 7.91
CA VAL A 131 2.12 -34.07 7.71
C VAL A 131 2.18 -35.53 7.33
N THR A 132 1.22 -36.32 7.84
CA THR A 132 1.10 -37.72 7.48
C THR A 132 -0.37 -38.11 7.54
N ASP A 133 -0.67 -39.30 7.04
CA ASP A 133 -2.03 -39.82 7.08
C ASP A 133 -2.47 -40.07 8.52
N LYS A 134 -3.71 -39.66 8.82
CA LYS A 134 -4.35 -39.95 10.08
C LYS A 134 -5.05 -41.30 10.04
N THR A 135 -5.13 -41.96 11.19
CA THR A 135 -5.96 -43.14 11.35
C THR A 135 -7.41 -42.81 11.01
N GLY A 136 -8.04 -43.66 10.20
CA GLY A 136 -9.40 -43.40 9.77
C GLY A 136 -9.54 -42.34 8.71
N GLY A 137 -8.45 -41.94 8.08
CA GLY A 137 -8.50 -41.00 6.98
C GLY A 137 -8.28 -39.56 7.42
N GLY A 138 -8.03 -38.72 6.42
CA GLY A 138 -7.50 -37.40 6.65
C GLY A 138 -6.01 -37.43 6.91
N VAL A 139 -5.51 -36.29 7.40
CA VAL A 139 -4.10 -36.12 7.69
C VAL A 139 -3.94 -35.65 9.13
N GLN A 140 -2.76 -35.91 9.68
CA GLN A 140 -2.39 -35.39 11.00
C GLN A 140 -1.01 -34.74 10.91
N VAL A 141 -0.78 -33.78 11.81
CA VAL A 141 0.37 -32.89 11.75
C VAL A 141 1.23 -33.11 12.99
N THR A 142 2.55 -33.11 12.81
CA THR A 142 3.48 -33.18 13.91
C THR A 142 4.62 -32.18 13.70
N ASP A 143 5.12 -31.64 14.80
CA ASP A 143 6.26 -30.74 14.77
C ASP A 143 7.55 -31.45 14.39
N SER A 144 8.33 -30.81 13.52
CA SER A 144 9.53 -31.40 12.95
C SER A 144 10.76 -30.78 13.61
N THR A 145 11.66 -31.61 14.11
CA THR A 145 12.94 -31.13 14.61
C THR A 145 13.97 -30.96 13.51
N THR A 146 13.81 -31.64 12.38
CA THR A 146 14.74 -31.54 11.27
C THR A 146 14.25 -30.63 10.15
N GLY A 147 12.95 -30.34 10.08
CA GLY A 147 12.47 -29.36 9.11
C GLY A 147 13.11 -28.00 9.34
N ARG A 148 13.37 -27.29 8.25
CA ARG A 148 13.97 -25.97 8.29
C ARG A 148 13.17 -24.99 7.47
N LEU A 149 12.93 -23.81 8.03
CA LEU A 149 12.46 -22.65 7.30
C LEU A 149 13.63 -21.83 6.81
N CYS A 150 13.75 -21.71 5.49
CA CYS A 150 14.72 -20.80 4.87
C CYS A 150 14.26 -19.36 5.04
N MET A 151 15.10 -18.53 5.63
CA MET A 151 14.87 -17.08 5.63
C MET A 151 16.01 -16.39 4.92
N LEU A 152 15.68 -15.64 3.87
CA LEU A 152 16.64 -14.80 3.15
C LEU A 152 16.17 -13.35 3.29
N VAL A 153 17.00 -12.53 3.93
CA VAL A 153 16.76 -11.10 4.01
C VAL A 153 17.69 -10.41 3.02
N ASP A 154 17.09 -9.70 2.06
CA ASP A 154 17.82 -9.12 0.93
C ASP A 154 18.19 -7.66 1.23
N HIS A 155 19.05 -7.50 2.24
CA HIS A 155 19.56 -6.16 2.57
C HIS A 155 20.25 -5.50 1.39
N GLU A 156 20.87 -6.28 0.52
CA GLU A 156 21.61 -5.73 -0.61
C GLU A 156 20.73 -5.30 -1.77
N TYR A 157 19.44 -5.61 -1.74
CA TYR A 157 18.55 -5.39 -2.88
C TYR A 157 19.08 -6.08 -4.14
N LYS A 158 19.63 -7.28 -3.95
CA LYS A 158 20.05 -8.08 -5.10
C LYS A 158 18.88 -8.42 -5.99
N TYR A 159 17.76 -8.79 -5.39
CA TYR A 159 16.61 -9.39 -6.03
C TYR A 159 15.55 -8.35 -6.34
N PRO A 160 14.91 -8.48 -7.50
CA PRO A 160 13.88 -7.52 -7.90
C PRO A 160 12.87 -7.21 -6.80
N TYR A 161 12.72 -5.92 -6.54
CA TYR A 161 11.88 -5.45 -5.45
C TYR A 161 10.44 -5.35 -5.94
N VAL A 162 9.55 -6.15 -5.35
CA VAL A 162 8.15 -6.19 -5.79
C VAL A 162 7.19 -5.61 -4.75
N LEU A 163 7.68 -5.26 -3.57
CA LEU A 163 6.85 -4.60 -2.56
C LEU A 163 6.47 -3.18 -2.99
N GLY A 164 5.35 -2.71 -2.46
CA GLY A 164 4.92 -1.34 -2.67
C GLY A 164 4.39 -1.08 -4.06
N GLN A 165 3.52 -1.96 -4.52
CA GLN A 165 2.93 -1.92 -5.86
C GLN A 165 1.41 -1.97 -5.80
N GLY A 166 0.82 -1.76 -4.63
CA GLY A 166 -0.62 -1.83 -4.46
C GLY A 166 -1.23 -3.19 -4.66
N GLN A 167 -0.43 -4.24 -4.55
CA GLN A 167 -0.90 -5.60 -4.80
C GLN A 167 -1.58 -6.19 -3.57
N ASP A 168 -2.49 -7.13 -3.81
CA ASP A 168 -3.29 -7.79 -2.76
C ASP A 168 -2.49 -8.87 -2.02
N THR A 169 -1.45 -8.43 -1.32
CA THR A 169 -0.42 -9.30 -0.78
C THR A 169 -0.17 -9.02 0.70
N LEU A 170 -0.83 -8.02 1.27
CA LEU A 170 -0.57 -7.55 2.62
C LEU A 170 -0.89 -8.59 3.69
N ALA A 171 -0.21 -8.46 4.82
CA ALA A 171 -0.61 -9.08 6.08
C ALA A 171 -2.06 -8.78 6.41
N PRO A 172 -2.75 -9.70 7.09
CA PRO A 172 -4.16 -9.49 7.43
C PRO A 172 -4.36 -8.27 8.31
N GLU A 173 -5.47 -7.57 8.07
CA GLU A 173 -5.77 -6.34 8.80
C GLU A 173 -6.10 -6.63 10.26
N LEU A 174 -6.73 -7.76 10.56
CA LEU A 174 -7.01 -8.13 11.94
C LEU A 174 -5.92 -9.05 12.49
N PRO A 175 -5.59 -8.90 13.77
CA PRO A 175 -4.61 -9.80 14.40
C PRO A 175 -5.10 -11.23 14.60
N ILE A 176 -6.41 -11.48 14.42
CA ILE A 176 -6.96 -12.83 14.55
C ILE A 176 -6.85 -13.65 13.27
N TRP A 177 -6.22 -13.14 12.23
CA TRP A 177 -6.17 -13.80 10.93
C TRP A 177 -4.74 -14.22 10.59
N VAL A 178 -4.60 -15.40 9.99
CA VAL A 178 -3.30 -15.94 9.62
C VAL A 178 -2.83 -15.33 8.31
N TYR A 179 -1.62 -14.77 8.31
CA TYR A 179 -0.98 -14.31 7.08
C TYR A 179 -0.53 -15.50 6.23
N PHE A 180 -0.95 -15.51 4.97
CA PHE A 180 -0.41 -16.41 3.95
C PHE A 180 0.49 -15.63 3.01
N PRO A 181 1.78 -15.52 3.30
CA PRO A 181 2.68 -14.66 2.52
C PRO A 181 2.69 -15.01 1.04
N PRO A 182 2.73 -14.00 0.17
CA PRO A 182 2.66 -14.22 -1.28
C PRO A 182 3.86 -14.98 -1.82
N GLN A 183 3.63 -15.73 -2.90
CA GLN A 183 4.72 -16.29 -3.68
C GLN A 183 5.51 -15.19 -4.37
N TYR A 184 6.83 -15.25 -4.24
CA TYR A 184 7.72 -14.30 -4.90
C TYR A 184 7.82 -14.56 -6.39
N ALA A 185 7.46 -13.56 -7.19
CA ALA A 185 7.56 -13.58 -8.63
C ALA A 185 7.79 -12.16 -9.11
N TYR A 186 8.50 -12.02 -10.23
CA TYR A 186 8.92 -10.71 -10.69
C TYR A 186 9.02 -10.72 -12.21
N LEU A 187 8.90 -9.53 -12.79
CA LEU A 187 9.00 -9.31 -14.22
C LEU A 187 10.39 -8.81 -14.59
N THR A 188 10.84 -9.20 -15.78
CA THR A 188 12.15 -8.79 -16.26
C THR A 188 12.05 -8.39 -17.73
N VAL A 189 13.06 -7.65 -18.20
CA VAL A 189 13.16 -7.29 -19.61
C VAL A 189 13.40 -8.53 -20.47
N GLY A 190 13.15 -8.38 -21.76
CA GLY A 190 13.37 -9.45 -22.71
C GLY A 190 13.15 -8.97 -24.13
N ASP A 191 13.22 -9.91 -25.07
CA ASP A 191 13.03 -9.63 -26.49
C ASP A 191 11.66 -10.10 -26.96
N VAL A 192 10.95 -9.22 -27.66
CA VAL A 192 9.65 -9.52 -28.25
C VAL A 192 9.85 -10.36 -29.50
N ASN A 193 9.40 -11.61 -29.48
CA ASN A 193 9.52 -12.52 -30.61
C ASN A 193 8.15 -12.78 -31.22
N THR A 194 8.04 -12.57 -32.53
CA THR A 194 6.79 -12.82 -33.24
C THR A 194 6.49 -14.31 -33.29
N GLN A 195 5.27 -14.69 -32.94
CA GLN A 195 4.89 -16.10 -32.87
C GLN A 195 4.47 -16.61 -34.26
N GLY A 196 5.48 -16.75 -35.12
CA GLY A 196 5.26 -17.28 -36.46
C GLY A 196 4.39 -16.40 -37.34
N ILE A 197 3.53 -17.06 -38.12
CA ILE A 197 2.63 -16.38 -39.05
C ILE A 197 1.58 -15.55 -38.30
N SER A 198 1.26 -15.93 -37.06
CA SER A 198 0.11 -15.33 -36.37
C SER A 198 0.28 -13.84 -36.16
N GLY A 199 1.51 -13.34 -36.09
CA GLY A 199 1.77 -11.97 -35.71
C GLY A 199 1.57 -11.66 -34.24
N ASP A 200 1.03 -12.59 -33.46
CA ASP A 200 1.01 -12.46 -32.01
C ASP A 200 2.44 -12.53 -31.48
N SER A 201 2.63 -11.96 -30.29
CA SER A 201 3.98 -11.75 -29.77
C SER A 201 4.10 -12.26 -28.35
N LYS A 202 5.28 -12.77 -28.05
CA LYS A 202 5.72 -13.10 -26.70
C LYS A 202 7.07 -12.44 -26.46
N LYS A 203 7.32 -12.08 -25.20
CA LYS A 203 8.64 -11.63 -24.78
C LYS A 203 9.45 -12.86 -24.37
N LEU A 204 10.45 -13.19 -25.17
CA LEU A 204 11.41 -14.24 -24.86
C LEU A 204 12.54 -13.66 -24.02
N ALA A 205 13.16 -14.52 -23.21
CA ALA A 205 14.35 -14.12 -22.49
C ALA A 205 15.47 -13.70 -23.44
N SER A 206 16.22 -12.68 -23.03
CA SER A 206 17.38 -12.17 -23.74
C SER A 206 18.53 -12.05 -22.76
N GLU A 207 19.71 -11.70 -23.29
CA GLU A 207 20.89 -11.57 -22.43
C GLU A 207 20.66 -10.64 -21.26
N GLU A 208 19.84 -9.61 -21.42
CA GLU A 208 19.51 -8.70 -20.33
C GLU A 208 18.54 -9.30 -19.32
N SER A 209 17.73 -10.29 -19.73
CA SER A 209 16.75 -10.88 -18.84
C SER A 209 17.44 -11.46 -17.61
N ALA A 210 17.04 -10.99 -16.43
CA ALA A 210 17.65 -11.39 -15.17
C ALA A 210 16.92 -12.59 -14.59
N PHE A 211 17.57 -13.75 -14.60
CA PHE A 211 17.07 -14.96 -13.95
C PHE A 211 17.77 -15.10 -12.60
N TYR A 212 17.02 -14.93 -11.52
CA TYR A 212 17.54 -14.97 -10.16
C TYR A 212 17.21 -16.31 -9.51
N VAL A 213 18.23 -16.99 -8.99
CA VAL A 213 18.04 -18.21 -8.21
C VAL A 213 18.47 -17.91 -6.78
N LEU A 214 17.47 -17.76 -5.91
CA LEU A 214 17.71 -17.37 -4.52
C LEU A 214 18.51 -18.42 -3.75
N GLU A 215 18.37 -19.70 -4.09
CA GLU A 215 19.21 -20.75 -3.53
C GLU A 215 20.69 -20.61 -3.87
N HIS A 216 21.06 -19.77 -4.82
CA HIS A 216 22.49 -19.57 -5.05
C HIS A 216 23.13 -18.62 -4.06
N SER A 217 22.35 -17.91 -3.25
CA SER A 217 22.89 -17.09 -2.18
C SER A 217 22.90 -17.85 -0.86
N SER A 218 23.59 -17.26 0.13
CA SER A 218 23.49 -17.74 1.50
C SER A 218 22.25 -17.21 2.20
N PHE A 219 21.59 -18.10 2.92
CA PHE A 219 20.41 -17.77 3.72
C PHE A 219 20.39 -18.65 4.97
N GLN A 220 19.59 -18.22 5.94
CA GLN A 220 19.50 -18.92 7.23
C GLN A 220 18.56 -20.12 7.15
N LEU A 221 18.96 -21.21 7.78
CA LEU A 221 18.10 -22.36 8.01
C LEU A 221 17.64 -22.35 9.46
N LEU A 222 16.34 -22.18 9.67
CA LEU A 222 15.74 -22.03 10.99
C LEU A 222 14.95 -23.28 11.34
N GLY A 223 15.28 -23.91 12.47
CA GLY A 223 14.52 -25.03 12.96
C GLY A 223 13.24 -24.60 13.67
N THR A 224 12.44 -25.60 14.04
CA THR A 224 11.27 -25.37 14.87
C THR A 224 11.64 -24.73 16.21
N GLY A 225 10.86 -23.72 16.59
CA GLY A 225 11.21 -22.85 17.69
C GLY A 225 12.23 -21.79 17.37
N GLY A 226 12.71 -21.76 16.13
CA GLY A 226 13.71 -20.79 15.73
C GLY A 226 13.14 -19.38 15.67
N THR A 227 14.01 -18.42 15.91
CA THR A 227 13.70 -17.00 15.78
C THR A 227 14.77 -16.35 14.92
N ALA A 228 14.35 -15.41 14.08
CA ALA A 228 15.29 -14.53 13.40
C ALA A 228 14.69 -13.13 13.26
N THR A 229 15.55 -12.13 13.26
CA THR A 229 15.14 -10.73 13.28
C THR A 229 15.83 -9.95 12.18
N MET A 230 15.04 -9.16 11.44
CA MET A 230 15.52 -8.14 10.52
C MET A 230 15.31 -6.77 11.15
N SER A 231 16.28 -5.88 10.96
CA SER A 231 16.10 -4.48 11.34
C SER A 231 16.47 -3.54 10.20
N TYR A 232 15.72 -2.44 10.08
CA TYR A 232 15.87 -1.46 9.01
C TYR A 232 15.64 -0.07 9.56
N LYS A 233 16.48 0.88 9.17
CA LYS A 233 16.24 2.29 9.43
C LYS A 233 15.81 2.99 8.15
N PHE A 234 14.70 3.72 8.22
CA PHE A 234 14.30 4.56 7.12
C PHE A 234 15.28 5.72 6.93
N PRO A 235 15.50 6.15 5.70
CA PRO A 235 16.20 7.41 5.45
C PRO A 235 15.38 8.57 5.99
N PRO A 236 15.99 9.75 6.12
CA PRO A 236 15.17 10.95 6.39
C PRO A 236 14.24 11.24 5.23
N VAL A 237 12.97 11.42 5.54
CA VAL A 237 11.94 11.69 4.53
C VAL A 237 11.06 12.83 5.02
N PRO A 238 10.43 13.59 4.12
CA PRO A 238 9.51 14.64 4.56
C PRO A 238 8.33 14.04 5.31
N PRO A 239 8.00 14.56 6.49
CA PRO A 239 6.80 14.08 7.17
C PRO A 239 5.53 14.47 6.41
N GLU A 240 4.54 13.59 6.49
CA GLU A 240 3.19 13.92 6.06
C GLU A 240 2.56 14.90 7.06
N ASN A 241 2.12 16.05 6.56
CA ASN A 241 1.38 16.99 7.39
C ASN A 241 -0.03 16.47 7.70
N LEU A 242 -0.32 16.30 8.98
CA LEU A 242 -1.63 15.85 9.44
C LEU A 242 -2.63 16.98 9.64
N GLU A 243 -2.24 18.24 9.46
CA GLU A 243 -3.10 19.39 9.68
C GLU A 243 -3.37 20.11 8.37
N GLY A 244 -4.62 20.55 8.19
CA GLY A 244 -5.02 21.24 6.98
C GLY A 244 -4.89 22.76 7.05
N CYS A 245 -5.49 23.41 6.05
CA CYS A 245 -5.41 24.85 5.87
C CYS A 245 -6.77 25.51 6.04
N SER A 246 -6.80 26.63 6.76
CA SER A 246 -8.00 27.44 6.92
C SER A 246 -8.09 28.59 5.91
N GLN A 247 -7.19 28.65 4.94
CA GLN A 247 -7.21 29.69 3.92
C GLN A 247 -6.92 29.09 2.54
N HIS A 248 -7.49 29.72 1.52
CA HIS A 248 -7.05 29.53 0.14
C HIS A 248 -5.82 30.38 -0.13
N PHE A 249 -4.77 29.76 -0.70
CA PHE A 249 -3.52 30.49 -0.92
C PHE A 249 -3.72 31.67 -1.87
N TYR A 250 -4.66 31.56 -2.79
CA TYR A 250 -5.02 32.64 -3.69
C TYR A 250 -5.95 33.68 -3.06
N GLU A 251 -6.32 33.53 -1.79
CA GLU A 251 -7.14 34.50 -1.07
C GLU A 251 -6.43 35.03 0.19
N MET A 252 -5.11 35.17 0.12
CA MET A 252 -4.33 35.65 1.26
C MET A 252 -4.25 37.16 1.35
N TYR A 253 -4.85 37.88 0.42
CA TYR A 253 -4.86 39.35 0.44
C TYR A 253 -5.87 39.87 1.47
N ASN A 254 -5.70 41.15 1.82
CA ASN A 254 -6.67 41.84 2.67
C ASN A 254 -7.91 42.20 1.84
N PRO A 255 -9.09 41.69 2.19
CA PRO A 255 -10.28 41.92 1.36
C PRO A 255 -10.79 43.36 1.37
N LEU A 256 -10.33 44.20 2.29
CA LEU A 256 -10.84 45.57 2.37
C LEU A 256 -10.19 46.53 1.39
N TYR A 257 -9.07 46.17 0.76
CA TYR A 257 -8.31 47.12 -0.03
C TYR A 257 -8.17 46.67 -1.47
N GLY A 258 -8.12 47.65 -2.37
CA GLY A 258 -7.72 47.39 -3.74
C GLY A 258 -6.22 47.25 -3.91
N SER A 259 -5.84 46.63 -5.02
CA SER A 259 -4.43 46.52 -5.39
C SER A 259 -3.86 47.87 -5.79
N ARG A 260 -2.61 48.10 -5.41
CA ARG A 260 -1.79 49.15 -6.01
C ARG A 260 -1.36 48.81 -7.43
N LEU A 261 -1.63 47.60 -7.91
CA LEU A 261 -1.26 47.15 -9.23
C LEU A 261 -2.44 47.27 -10.18
N GLY A 262 -2.22 47.89 -11.33
CA GLY A 262 -3.20 47.86 -12.39
C GLY A 262 -3.12 46.60 -13.23
N VAL A 263 -4.22 46.34 -13.94
CA VAL A 263 -4.29 45.20 -14.87
C VAL A 263 -4.81 45.72 -16.20
N PRO A 264 -4.59 44.96 -17.29
CA PRO A 264 -5.10 45.39 -18.59
C PRO A 264 -6.60 45.65 -18.58
N ASP A 265 -7.00 46.72 -19.25
CA ASP A 265 -8.39 47.11 -19.43
C ASP A 265 -8.77 47.20 -20.90
N THR A 266 -7.95 47.88 -21.71
CA THR A 266 -8.12 47.95 -23.15
C THR A 266 -6.95 47.21 -23.78
N LEU A 267 -7.26 46.29 -24.68
CA LEU A 267 -6.24 45.44 -25.28
C LEU A 267 -5.79 45.98 -26.63
N GLY A 268 -4.89 45.24 -27.27
CA GLY A 268 -4.26 45.64 -28.51
C GLY A 268 -2.82 46.05 -28.30
N GLY A 269 -2.28 46.70 -29.34
CA GLY A 269 -0.88 47.09 -29.31
C GLY A 269 -0.57 48.21 -28.34
N ASP A 270 -1.54 49.08 -28.09
CA ASP A 270 -1.39 50.17 -27.12
C ASP A 270 -2.36 49.95 -25.96
N PRO A 271 -2.08 48.99 -25.08
CA PRO A 271 -3.04 48.65 -24.03
C PRO A 271 -3.14 49.74 -22.96
N LYS A 272 -4.35 49.96 -22.47
CA LYS A 272 -4.60 50.81 -21.33
C LYS A 272 -4.86 49.94 -20.11
N PHE A 273 -4.20 50.26 -19.00
CA PHE A 273 -4.36 49.55 -17.75
C PHE A 273 -5.34 50.29 -16.83
N ARG A 274 -5.97 49.52 -15.96
CA ARG A 274 -6.94 49.99 -14.99
C ARG A 274 -6.52 49.56 -13.59
N SER A 275 -6.63 50.48 -12.64
CA SER A 275 -6.43 50.15 -11.24
C SER A 275 -7.56 49.28 -10.71
N LEU A 276 -7.19 48.32 -9.88
CA LEU A 276 -8.16 47.39 -9.29
C LEU A 276 -8.89 48.00 -8.11
N THR A 277 -10.19 47.69 -8.02
CA THR A 277 -10.96 48.06 -6.84
C THR A 277 -10.73 47.04 -5.72
N HIS A 278 -11.30 47.33 -4.56
CA HIS A 278 -11.43 46.34 -3.49
C HIS A 278 -12.51 45.29 -3.75
N GLU A 279 -13.17 45.29 -4.92
CA GLU A 279 -14.28 44.38 -5.17
C GLU A 279 -14.15 43.50 -6.41
N ASP A 280 -13.25 43.79 -7.35
CA ASP A 280 -12.94 42.86 -8.43
C ASP A 280 -11.94 41.79 -7.96
N HIS A 281 -12.39 41.02 -6.97
CA HIS A 281 -11.55 40.00 -6.33
C HIS A 281 -11.04 38.95 -7.32
N ALA A 282 -11.82 38.63 -8.35
CA ALA A 282 -11.44 37.58 -9.29
C ALA A 282 -10.16 37.90 -10.05
N ILE A 283 -9.79 39.17 -10.16
CA ILE A 283 -8.61 39.57 -10.93
C ILE A 283 -7.51 40.10 -10.01
N GLN A 284 -7.55 39.75 -8.74
CA GLN A 284 -6.45 39.93 -7.81
C GLN A 284 -5.16 39.30 -8.36
N PRO A 285 -4.08 40.08 -8.50
CA PRO A 285 -2.78 39.49 -8.85
C PRO A 285 -2.31 38.51 -7.79
N GLN A 286 -1.54 37.50 -8.23
CA GLN A 286 -1.10 36.42 -7.38
C GLN A 286 0.42 36.36 -7.36
N ASN A 287 0.99 36.07 -6.19
CA ASN A 287 2.43 35.88 -6.10
C ASN A 287 2.85 34.48 -6.49
N PHE A 288 2.01 33.49 -6.27
CA PHE A 288 2.36 32.09 -6.50
C PHE A 288 1.33 31.45 -7.39
N MET A 289 1.78 30.61 -8.23
CA MET A 289 0.94 29.86 -9.14
C MET A 289 0.42 28.58 -8.47
N PRO A 290 -0.71 28.07 -8.92
CA PRO A 290 -1.14 26.74 -8.49
C PRO A 290 -0.29 25.64 -9.12
N GLY A 291 -0.36 24.46 -8.52
CA GLY A 291 0.41 23.32 -8.95
C GLY A 291 0.01 22.70 -10.27
N PRO A 292 0.83 21.78 -10.75
CA PRO A 292 0.53 21.08 -12.01
C PRO A 292 -0.67 20.15 -11.88
N LEU A 293 -1.46 20.09 -12.95
CA LEU A 293 -2.54 19.12 -13.08
C LEU A 293 -2.41 18.42 -14.42
N VAL A 294 -2.54 17.10 -14.41
CA VAL A 294 -2.41 16.29 -15.62
C VAL A 294 -3.64 15.41 -15.74
N ASN A 295 -4.46 15.68 -16.76
CA ASN A 295 -5.73 14.97 -17.01
C ASN A 295 -6.57 14.82 -15.75
N SER A 296 -6.58 15.84 -14.90
CA SER A 296 -7.22 15.75 -13.60
C SER A 296 -8.72 15.97 -13.71
N VAL A 297 -9.37 15.14 -14.53
CA VAL A 297 -10.78 15.27 -14.84
C VAL A 297 -11.58 14.24 -14.06
N SER A 298 -12.86 14.54 -13.85
CA SER A 298 -13.75 13.58 -13.23
C SER A 298 -14.12 12.45 -14.19
N THR A 299 -14.66 11.37 -13.61
CA THR A 299 -15.15 10.23 -14.38
C THR A 299 -16.21 10.62 -15.41
N LYS A 300 -16.97 11.69 -15.13
CA LYS A 300 -17.93 12.17 -16.12
C LYS A 300 -17.25 12.84 -17.31
N GLU A 301 -16.12 13.50 -17.10
CA GLU A 301 -15.48 14.27 -18.15
C GLU A 301 -14.26 13.59 -18.74
N GLY A 302 -13.81 12.48 -18.14
CA GLY A 302 -12.78 11.65 -18.74
C GLY A 302 -13.29 10.72 -19.81
N ALA A 312 -12.09 -1.44 -21.37
CA ALA A 312 -10.85 -0.91 -21.94
C ALA A 312 -10.15 0.00 -20.94
N LEU A 313 -8.90 0.35 -21.25
CA LEU A 313 -8.11 1.21 -20.38
C LEU A 313 -8.58 2.65 -20.54
N THR A 314 -9.25 3.17 -19.52
CA THR A 314 -9.56 4.60 -19.43
C THR A 314 -8.52 5.34 -18.60
N GLY A 315 -8.61 6.65 -18.63
CA GLY A 315 -7.75 7.50 -17.82
C GLY A 315 -6.36 7.70 -18.38
N LEU A 316 -5.56 8.41 -17.61
CA LEU A 316 -4.21 8.79 -18.00
C LEU A 316 -3.35 7.57 -18.29
N SER A 317 -2.75 7.54 -19.47
CA SER A 317 -2.05 6.35 -19.94
C SER A 317 -1.05 6.76 -21.01
N THR A 318 -0.05 5.90 -21.21
CA THR A 318 1.03 6.18 -22.14
C THR A 318 1.41 4.89 -22.84
N GLY A 319 1.77 5.01 -24.12
CA GLY A 319 2.14 3.85 -24.89
C GLY A 319 2.34 4.22 -26.35
N THR A 320 2.49 3.19 -27.17
CA THR A 320 2.76 3.37 -28.59
C THR A 320 1.50 3.44 -29.44
N SER A 321 0.35 3.04 -28.91
CA SER A 321 -0.91 3.12 -29.63
C SER A 321 -2.03 2.99 -28.62
N GLN A 322 -3.26 3.21 -29.10
CA GLN A 322 -4.44 3.04 -28.26
C GLN A 322 -4.59 1.63 -27.72
N ASN A 323 -4.10 0.63 -28.44
CA ASN A 323 -4.19 -0.76 -28.00
C ASN A 323 -3.01 -1.21 -27.15
N THR A 324 -1.93 -0.43 -27.06
CA THR A 324 -0.68 -0.87 -26.45
C THR A 324 -0.22 0.18 -25.44
N ARG A 325 -0.84 0.17 -24.26
CA ARG A 325 -0.73 1.24 -23.27
C ARG A 325 -0.61 0.61 -21.89
N ILE A 326 -0.01 1.37 -20.97
CA ILE A 326 -0.14 1.10 -19.55
C ILE A 326 -0.94 2.22 -18.91
N SER A 327 -1.68 1.88 -17.86
CA SER A 327 -2.28 2.87 -16.98
C SER A 327 -1.21 3.66 -16.24
N LEU A 328 -1.41 4.98 -16.15
CA LEU A 328 -0.66 5.82 -15.22
C LEU A 328 -1.44 6.22 -13.99
N ARG A 329 -2.58 5.59 -13.72
CA ARG A 329 -3.27 5.80 -12.46
C ARG A 329 -2.36 5.51 -11.27
N PRO A 330 -2.57 6.20 -10.14
CA PRO A 330 -3.53 7.28 -9.90
C PRO A 330 -3.08 8.63 -10.43
N GLY A 331 -1.97 8.69 -11.15
CA GLY A 331 -1.38 9.95 -11.52
C GLY A 331 -0.59 10.60 -10.39
N PRO A 332 0.01 11.76 -10.68
CA PRO A 332 0.86 12.43 -9.69
C PRO A 332 0.16 12.67 -8.37
N VAL A 333 0.93 12.57 -7.27
CA VAL A 333 0.41 12.87 -5.94
C VAL A 333 -0.03 14.32 -5.82
N SER A 334 0.42 15.19 -6.73
CA SER A 334 0.08 16.61 -6.71
C SER A 334 -1.32 16.90 -7.21
N GLN A 335 -2.16 15.89 -7.43
CA GLN A 335 -3.52 16.13 -7.83
C GLN A 335 -4.45 15.12 -7.17
N PRO A 336 -5.65 15.54 -6.80
CA PRO A 336 -6.63 14.60 -6.25
C PRO A 336 -7.27 13.75 -7.33
N TYR A 337 -7.84 12.64 -6.89
CA TYR A 337 -8.75 11.87 -7.71
C TYR A 337 -10.12 11.63 -7.06
N HIS A 338 -10.37 12.20 -5.89
CA HIS A 338 -11.69 12.15 -5.28
C HIS A 338 -11.78 13.25 -4.23
N HIS A 339 -12.90 13.97 -4.24
CA HIS A 339 -13.20 14.88 -3.15
C HIS A 339 -14.70 15.18 -3.13
N TRP A 340 -15.17 15.58 -1.96
CA TRP A 340 -16.42 16.33 -1.86
C TRP A 340 -16.24 17.70 -2.49
N ASP A 341 -16.84 17.88 -3.66
CA ASP A 341 -17.12 19.23 -4.14
C ASP A 341 -18.43 19.71 -3.52
N THR A 342 -18.69 21.01 -3.65
CA THR A 342 -19.51 21.73 -2.68
C THR A 342 -20.84 21.04 -2.38
N ASP A 343 -21.41 20.33 -3.35
CA ASP A 343 -22.67 19.63 -3.15
C ASP A 343 -22.65 18.19 -3.66
N LYS A 344 -21.48 17.63 -3.93
CA LYS A 344 -21.37 16.44 -4.75
C LYS A 344 -20.01 15.82 -4.52
N TYR A 345 -19.97 14.49 -4.39
CA TYR A 345 -18.71 13.79 -4.52
C TYR A 345 -18.28 13.70 -5.97
N VAL A 346 -17.07 14.17 -6.25
CA VAL A 346 -16.46 14.09 -7.57
C VAL A 346 -15.33 13.08 -7.52
N THR A 347 -15.31 12.15 -8.47
CA THR A 347 -14.27 11.14 -8.53
C THR A 347 -13.53 11.23 -9.87
N GLY A 348 -12.21 11.09 -9.80
CA GLY A 348 -11.38 11.21 -10.98
C GLY A 348 -11.43 9.96 -11.85
N ILE A 349 -11.37 10.16 -13.17
CA ILE A 349 -11.15 9.04 -14.07
C ILE A 349 -9.86 8.30 -13.71
N ASN A 350 -8.88 9.00 -13.14
CA ASN A 350 -7.62 8.41 -12.70
C ASN A 350 -7.69 7.79 -11.31
N ALA A 351 -8.84 7.85 -10.64
CA ALA A 351 -8.95 7.36 -9.28
C ALA A 351 -8.59 5.89 -9.17
N ILE A 352 -7.91 5.55 -8.08
CA ILE A 352 -7.79 4.18 -7.59
C ILE A 352 -8.65 4.01 -6.36
N SER A 353 -9.26 2.83 -6.25
CA SER A 353 -10.11 2.48 -5.12
C SER A 353 -9.38 1.54 -4.18
N HIS A 354 -9.40 1.85 -2.89
CA HIS A 354 -8.91 0.93 -1.87
C HIS A 354 -10.06 -0.02 -1.49
N GLY A 355 -10.29 -0.98 -2.36
CA GLY A 355 -11.50 -1.79 -2.28
C GLY A 355 -12.75 -1.02 -2.63
N GLN A 356 -13.86 -1.75 -2.63
CA GLN A 356 -15.16 -1.20 -3.00
C GLN A 356 -16.17 -1.51 -1.90
N THR A 357 -17.13 -0.61 -1.75
CA THR A 357 -18.37 -0.91 -1.02
C THR A 357 -19.31 -1.64 -1.95
N THR A 358 -19.54 -2.93 -1.69
CA THR A 358 -20.46 -3.72 -2.51
C THR A 358 -21.91 -3.43 -2.13
N GLN A 369 -17.35 -5.61 -7.63
CA GLN A 369 -17.58 -4.25 -8.11
C GLN A 369 -18.56 -3.51 -7.21
N GLY A 370 -18.34 -2.21 -7.06
CA GLY A 370 -19.25 -1.41 -6.25
C GLY A 370 -18.77 0.02 -6.20
N VAL A 371 -19.31 0.76 -5.22
CA VAL A 371 -18.85 2.12 -4.97
C VAL A 371 -17.43 2.10 -4.44
N GLY A 372 -16.57 2.93 -5.03
CA GLY A 372 -15.19 2.97 -4.62
C GLY A 372 -14.99 3.55 -3.24
N ARG A 373 -13.87 3.19 -2.62
CA ARG A 373 -13.47 3.76 -1.34
C ARG A 373 -12.27 4.67 -1.57
N PHE A 374 -12.42 5.94 -1.20
CA PHE A 374 -11.51 6.98 -1.65
C PHE A 374 -11.15 7.91 -0.51
N PRO A 375 -9.95 8.49 -0.54
CA PRO A 375 -9.67 9.62 0.35
C PRO A 375 -10.45 10.85 -0.10
N ASN A 376 -10.93 11.63 0.86
CA ASN A 376 -11.52 12.93 0.56
C ASN A 376 -10.42 13.99 0.55
N GLU A 377 -9.98 14.39 -0.65
CA GLU A 377 -8.83 15.28 -0.84
C GLU A 377 -9.21 16.76 -0.72
N LYS A 378 -9.97 17.08 0.32
CA LYS A 378 -10.45 18.45 0.54
C LYS A 378 -9.35 19.50 0.61
N GLU A 379 -8.16 19.15 1.11
CA GLU A 379 -7.04 20.09 1.12
C GLU A 379 -6.46 20.37 -0.26
N GLN A 380 -6.60 19.46 -1.22
CA GLN A 380 -6.23 19.79 -2.59
C GLN A 380 -7.29 20.64 -3.28
N LEU A 381 -8.57 20.30 -3.10
CA LEU A 381 -9.65 21.10 -3.67
C LEU A 381 -9.59 22.57 -3.25
N LYS A 382 -9.25 22.84 -1.99
CA LYS A 382 -9.11 24.22 -1.53
C LYS A 382 -8.03 25.01 -2.26
N GLN A 383 -6.99 24.35 -2.78
CA GLN A 383 -5.85 25.07 -3.33
C GLN A 383 -5.80 24.98 -4.86
N LEU A 384 -6.94 25.15 -5.51
CA LEU A 384 -7.09 25.18 -6.97
C LEU A 384 -6.71 23.87 -7.64
N GLN A 385 -6.67 22.76 -6.91
CA GLN A 385 -6.32 21.49 -7.52
C GLN A 385 -7.52 20.58 -7.73
N GLY A 386 -8.73 21.07 -7.50
CA GLY A 386 -9.92 20.28 -7.70
C GLY A 386 -10.02 19.59 -9.05
N LEU A 387 -10.74 18.48 -9.08
CA LEU A 387 -11.08 17.83 -10.34
C LEU A 387 -11.85 18.78 -11.25
N ASN A 388 -11.59 18.66 -12.55
CA ASN A 388 -12.16 19.52 -13.59
C ASN A 388 -11.80 21.00 -13.43
N MET A 389 -10.73 21.31 -12.69
CA MET A 389 -10.22 22.67 -12.72
C MET A 389 -9.69 23.01 -14.11
N HIS A 390 -10.37 23.91 -14.80
CA HIS A 390 -9.88 24.42 -16.07
C HIS A 390 -8.82 25.49 -15.85
N THR A 391 -7.86 25.54 -16.77
CA THR A 391 -6.96 26.68 -16.89
C THR A 391 -7.13 27.31 -18.26
N TYR A 392 -7.21 28.63 -18.28
CA TYR A 392 -7.53 29.40 -19.48
C TYR A 392 -6.31 30.14 -19.96
N PHE A 393 -5.92 29.91 -21.21
CA PHE A 393 -4.76 30.55 -21.83
C PHE A 393 -5.26 31.41 -22.97
N PRO A 394 -5.53 32.70 -22.73
CA PRO A 394 -6.21 33.57 -23.69
C PRO A 394 -5.36 33.91 -24.90
N THR A 402 -7.48 27.23 -25.78
CA THR A 402 -7.46 28.27 -24.77
C THR A 402 -8.02 27.79 -23.43
N ASP A 403 -9.01 26.91 -23.48
CA ASP A 403 -9.57 26.29 -22.30
C ASP A 403 -9.07 24.84 -22.24
N GLN A 404 -8.36 24.51 -21.17
CA GLN A 404 -7.81 23.17 -21.02
C GLN A 404 -7.77 22.80 -19.55
N ILE A 405 -7.75 21.50 -19.28
CA ILE A 405 -7.62 21.01 -17.91
C ILE A 405 -6.17 20.94 -17.46
N GLU A 406 -5.23 20.72 -18.38
CA GLU A 406 -3.82 20.60 -18.02
C GLU A 406 -3.26 21.92 -17.48
N ARG A 407 -2.63 21.86 -16.31
CA ARG A 407 -1.72 22.92 -15.91
C ARG A 407 -0.28 22.45 -15.97
N PRO A 408 0.60 23.16 -16.67
CA PRO A 408 2.02 22.85 -16.58
C PRO A 408 2.53 23.17 -15.19
N LEU A 409 3.62 22.52 -14.81
CA LEU A 409 4.39 23.00 -13.67
C LEU A 409 4.93 24.40 -13.97
N MET A 410 4.54 25.37 -13.16
CA MET A 410 5.01 26.73 -13.28
C MET A 410 6.07 27.02 -12.23
N VAL A 411 7.03 27.87 -12.58
CA VAL A 411 7.89 28.46 -11.57
C VAL A 411 7.04 29.17 -10.52
N GLY A 412 7.39 28.95 -9.25
CA GLY A 412 6.64 29.50 -8.14
C GLY A 412 5.29 28.84 -7.91
N SER A 413 5.14 27.58 -8.31
CA SER A 413 3.96 26.79 -7.99
C SER A 413 3.95 26.37 -6.52
N VAL A 414 2.75 26.29 -5.97
CA VAL A 414 2.50 25.68 -4.67
C VAL A 414 1.32 24.72 -4.83
N TRP A 415 1.36 23.62 -4.09
CA TRP A 415 0.26 22.66 -4.14
C TRP A 415 0.28 21.79 -2.89
N ASN A 416 -0.81 21.05 -2.73
CA ASN A 416 -0.94 20.03 -1.70
C ASN A 416 -0.80 18.66 -2.34
N ARG A 417 -0.13 17.75 -1.65
CA ARG A 417 -0.16 16.34 -2.01
C ARG A 417 -1.44 15.67 -1.54
N ARG A 418 -1.78 14.57 -2.20
CA ARG A 418 -2.81 13.65 -1.74
C ARG A 418 -2.57 13.21 -0.30
N ALA A 419 -3.62 13.28 0.51
CA ALA A 419 -3.52 12.99 1.93
C ALA A 419 -3.13 11.55 2.20
N LEU A 420 -2.24 11.35 3.16
CA LEU A 420 -2.06 10.05 3.77
C LEU A 420 -3.37 9.58 4.40
N HIS A 421 -3.64 8.29 4.30
CA HIS A 421 -4.84 7.73 4.90
C HIS A 421 -4.54 6.41 5.58
N TYR A 422 -5.47 6.01 6.46
CA TYR A 422 -5.31 4.84 7.29
C TYR A 422 -4.90 3.59 6.51
N GLU A 423 -5.43 3.40 5.32
CA GLU A 423 -5.16 2.22 4.52
C GLU A 423 -4.04 2.40 3.49
N SER A 424 -3.33 3.53 3.52
CA SER A 424 -2.32 3.79 2.50
C SER A 424 -1.12 2.85 2.67
N GLN A 425 -0.53 2.46 1.55
CA GLN A 425 0.79 1.87 1.62
C GLN A 425 1.75 2.83 2.31
N LEU A 426 2.76 2.28 2.96
CA LEU A 426 3.75 3.11 3.64
C LEU A 426 4.91 3.53 2.76
N TRP A 427 5.33 2.70 1.81
CA TRP A 427 6.43 3.08 0.95
C TRP A 427 6.29 2.43 -0.42
N SER A 428 7.05 2.94 -1.37
CA SER A 428 7.37 2.23 -2.59
C SER A 428 8.83 2.49 -2.93
N LYS A 429 9.44 1.54 -3.63
CA LYS A 429 10.80 1.75 -4.13
C LYS A 429 10.78 2.75 -5.28
N ILE A 430 11.52 3.84 -5.12
CA ILE A 430 11.83 4.72 -6.25
C ILE A 430 12.72 3.96 -7.23
N PRO A 431 12.31 3.80 -8.48
CA PRO A 431 13.17 3.10 -9.44
C PRO A 431 14.49 3.86 -9.63
N ASN A 432 15.59 3.12 -9.56
CA ASN A 432 16.91 3.74 -9.61
C ASN A 432 17.32 4.12 -11.04
N LEU A 433 16.44 4.84 -11.73
CA LEU A 433 16.78 5.46 -13.00
C LEU A 433 17.71 6.65 -12.77
N ASP A 434 18.20 7.22 -13.88
CA ASP A 434 19.24 8.24 -13.79
C ASP A 434 18.78 9.47 -13.03
N ASP A 435 17.53 9.89 -13.22
CA ASP A 435 17.09 11.17 -12.69
C ASP A 435 15.61 11.09 -12.38
N SER A 436 15.16 11.99 -11.50
CA SER A 436 13.75 12.02 -11.13
C SER A 436 13.39 13.40 -10.60
N PHE A 437 12.09 13.67 -10.57
CA PHE A 437 11.54 14.91 -10.06
C PHE A 437 10.54 14.62 -8.95
N LYS A 438 10.82 15.12 -7.75
CA LYS A 438 9.91 15.09 -6.60
C LYS A 438 9.31 13.71 -6.35
N THR A 439 10.18 12.71 -6.21
CA THR A 439 9.76 11.34 -5.96
C THR A 439 9.66 10.99 -4.47
N GLN A 440 9.72 11.98 -3.57
CA GLN A 440 9.64 11.68 -2.15
C GLN A 440 8.36 10.95 -1.75
N PHE A 441 7.27 11.13 -2.50
CA PHE A 441 6.01 10.46 -2.22
C PHE A 441 5.55 9.63 -3.41
N ALA A 442 5.27 8.36 -3.16
CA ALA A 442 4.80 7.44 -4.19
C ALA A 442 3.33 7.71 -4.50
N ALA A 443 2.97 7.44 -5.76
CA ALA A 443 1.62 7.78 -6.24
C ALA A 443 0.55 7.02 -5.47
N LEU A 444 0.82 5.78 -5.07
CA LEU A 444 -0.13 4.99 -4.30
C LEU A 444 -0.16 5.37 -2.83
N GLY A 445 0.63 6.34 -2.41
CA GLY A 445 0.69 6.76 -1.03
C GLY A 445 2.00 6.36 -0.37
N GLY A 446 2.21 6.93 0.81
CA GLY A 446 3.44 6.74 1.54
C GLY A 446 4.64 7.34 0.83
N TRP A 447 5.81 6.93 1.28
CA TRP A 447 7.06 7.57 0.92
C TRP A 447 7.78 6.79 -0.17
N GLY A 448 8.26 7.52 -1.17
CA GLY A 448 9.23 6.95 -2.10
C GLY A 448 10.57 6.77 -1.42
N LEU A 449 11.15 5.58 -1.57
CA LEU A 449 12.45 5.28 -1.00
C LEU A 449 13.33 4.62 -2.05
N HIS A 450 14.57 5.07 -2.12
CA HIS A 450 15.56 4.41 -2.97
C HIS A 450 15.97 3.06 -2.39
N GLN A 451 16.18 3.00 -1.07
CA GLN A 451 16.53 1.78 -0.35
C GLN A 451 15.41 1.49 0.65
N PRO A 452 14.30 0.93 0.19
CA PRO A 452 13.16 0.66 1.07
C PRO A 452 13.46 -0.49 2.02
N PRO A 453 12.58 -0.75 2.98
CA PRO A 453 12.65 -1.99 3.78
C PRO A 453 12.94 -3.20 2.91
N PRO A 454 13.97 -3.98 3.26
CA PRO A 454 14.37 -5.10 2.41
C PRO A 454 13.33 -6.21 2.38
N GLN A 455 13.22 -6.85 1.23
CA GLN A 455 12.39 -8.04 1.09
C GLN A 455 12.94 -9.17 1.94
N ILE A 456 12.05 -9.82 2.68
CA ILE A 456 12.36 -11.03 3.44
C ILE A 456 11.76 -12.21 2.68
N PHE A 457 12.61 -13.10 2.17
CA PHE A 457 12.16 -14.26 1.45
C PHE A 457 12.16 -15.48 2.36
N LEU A 458 11.08 -16.25 2.32
CA LEU A 458 10.93 -17.46 3.11
C LEU A 458 10.54 -18.61 2.20
N LYS A 459 11.15 -19.79 2.44
CA LYS A 459 10.62 -21.03 1.91
C LYS A 459 10.98 -22.16 2.87
N ILE A 460 10.24 -23.26 2.77
CA ILE A 460 10.61 -24.47 3.50
C ILE A 460 11.71 -25.19 2.73
N LEU A 461 12.75 -25.59 3.45
CA LEU A 461 13.78 -26.41 2.86
C LEU A 461 13.21 -27.77 2.46
N PRO A 462 13.24 -28.15 1.19
CA PRO A 462 12.67 -29.43 0.79
C PRO A 462 13.41 -30.60 1.42
N GLN A 463 12.67 -31.59 1.89
CA GLN A 463 13.23 -32.80 2.47
C GLN A 463 12.93 -34.00 1.58
N SER A 464 13.97 -34.77 1.26
CA SER A 464 13.80 -35.96 0.43
C SER A 464 13.06 -37.06 1.18
N GLY A 465 12.13 -37.72 0.49
CA GLY A 465 11.57 -38.96 0.96
C GLY A 465 12.53 -40.13 0.84
N PRO A 466 12.09 -41.29 1.31
CA PRO A 466 13.00 -42.45 1.40
C PRO A 466 13.42 -42.97 0.03
N ILE A 467 14.67 -43.39 -0.07
CA ILE A 467 15.20 -44.17 -1.18
C ILE A 467 16.01 -45.32 -0.60
N GLY A 468 15.90 -46.49 -1.21
CA GLY A 468 16.63 -47.64 -0.71
C GLY A 468 15.94 -48.95 -1.08
N GLY A 469 15.90 -49.87 -0.12
CA GLY A 469 15.45 -51.22 -0.36
C GLY A 469 13.95 -51.35 -0.59
N ILE A 470 13.17 -50.36 -0.19
CA ILE A 470 11.74 -50.38 -0.46
C ILE A 470 11.52 -50.24 -1.96
N LYS A 471 10.58 -51.01 -2.49
CA LYS A 471 10.38 -51.04 -3.94
C LYS A 471 9.47 -49.91 -4.40
N SER A 472 9.66 -49.51 -5.66
CA SER A 472 8.75 -48.62 -6.38
C SER A 472 8.65 -47.21 -5.78
N MET A 473 9.62 -46.82 -4.93
CA MET A 473 9.47 -45.59 -4.17
C MET A 473 9.40 -44.37 -5.07
N GLY A 474 10.20 -44.36 -6.14
CA GLY A 474 10.48 -43.14 -6.87
C GLY A 474 11.22 -42.14 -5.98
N ILE A 475 11.25 -40.90 -6.48
CA ILE A 475 11.70 -39.75 -5.71
C ILE A 475 10.49 -39.00 -5.18
N THR A 476 10.51 -38.67 -3.90
CA THR A 476 9.41 -37.95 -3.27
C THR A 476 10.00 -36.88 -2.35
N THR A 477 9.16 -35.93 -1.95
CA THR A 477 9.49 -35.01 -0.87
C THR A 477 8.57 -35.25 0.32
N LEU A 478 9.11 -35.01 1.50
CA LEU A 478 8.29 -35.02 2.70
C LEU A 478 7.25 -33.92 2.64
N VAL A 479 6.00 -34.24 2.95
CA VAL A 479 4.97 -33.22 3.06
C VAL A 479 5.25 -32.41 4.33
N GLN A 480 5.68 -31.17 4.15
CA GLN A 480 5.95 -30.28 5.26
C GLN A 480 5.39 -28.90 4.95
N TYR A 481 4.89 -28.23 5.98
CA TYR A 481 4.53 -26.82 5.88
C TYR A 481 5.12 -26.11 7.09
N ALA A 482 5.19 -24.79 7.00
CA ALA A 482 5.72 -24.00 8.09
C ALA A 482 4.68 -23.00 8.58
N VAL A 483 4.73 -22.74 9.88
CA VAL A 483 3.98 -21.66 10.50
C VAL A 483 4.93 -20.89 11.40
N GLY A 484 4.50 -19.70 11.78
CA GLY A 484 5.21 -18.96 12.80
C GLY A 484 4.50 -17.66 13.07
N ILE A 485 5.15 -16.80 13.84
CA ILE A 485 4.64 -15.47 14.15
C ILE A 485 5.58 -14.45 13.51
N MET A 486 5.03 -13.64 12.61
CA MET A 486 5.71 -12.45 12.14
C MET A 486 5.34 -11.30 13.07
N THR A 487 6.34 -10.76 13.77
CA THR A 487 6.18 -9.56 14.56
C THR A 487 6.88 -8.42 13.85
N VAL A 488 6.14 -7.36 13.55
CA VAL A 488 6.69 -6.19 12.88
C VAL A 488 6.53 -4.98 13.79
N THR A 489 7.65 -4.36 14.13
CA THR A 489 7.70 -3.14 14.91
C THR A 489 8.11 -2.01 13.98
N MET A 490 7.30 -0.97 13.89
CA MET A 490 7.66 0.23 13.17
C MET A 490 7.55 1.45 14.07
N THR A 491 8.65 2.19 14.16
CA THR A 491 8.66 3.50 14.81
C THR A 491 8.36 4.58 13.78
N PHE A 492 7.46 5.50 14.14
CA PHE A 492 7.21 6.69 13.34
C PHE A 492 7.66 7.91 14.12
N LYS A 493 8.33 8.84 13.45
CA LYS A 493 8.54 10.17 13.99
C LYS A 493 7.26 10.99 13.91
N LEU A 494 6.90 11.65 15.01
CA LEU A 494 5.69 12.47 15.06
C LEU A 494 6.04 13.92 15.31
N GLY A 495 5.55 14.80 14.44
CA GLY A 495 5.62 16.23 14.67
C GLY A 495 4.55 16.70 15.63
N PRO A 496 4.84 17.73 16.41
CA PRO A 496 3.81 18.36 17.23
C PRO A 496 2.73 19.03 16.40
N ARG A 497 1.54 19.14 16.99
CA ARG A 497 0.49 19.98 16.43
C ARG A 497 0.91 21.44 16.38
N LYS A 498 0.47 22.14 15.34
CA LYS A 498 0.67 23.59 15.27
C LYS A 498 -0.20 24.30 16.29
N ALA A 499 0.34 25.38 16.87
CA ALA A 499 -0.44 26.20 17.79
C ALA A 499 -1.61 26.88 17.08
N THR A 500 -2.74 26.97 17.77
CA THR A 500 -3.98 27.50 17.21
C THR A 500 -4.27 28.87 17.82
N GLY A 501 -4.41 29.88 16.97
CA GLY A 501 -4.83 31.21 17.38
C GLY A 501 -6.32 31.46 17.38
N ARG A 502 -7.10 30.59 16.75
CA ARG A 502 -8.54 30.78 16.57
C ARG A 502 -9.26 31.08 17.88
N TRP A 503 -10.32 31.87 17.77
CA TRP A 503 -11.34 31.92 18.82
C TRP A 503 -12.25 30.69 18.75
N ASN A 504 -12.83 30.42 17.58
CA ASN A 504 -13.79 29.34 17.44
C ASN A 504 -13.09 27.98 17.49
N PRO A 505 -13.79 26.95 17.98
CA PRO A 505 -13.23 25.59 17.97
C PRO A 505 -12.71 25.17 16.59
N GLN A 506 -11.64 24.39 16.61
CA GLN A 506 -11.28 23.60 15.44
C GLN A 506 -12.41 22.65 15.08
N PRO A 507 -12.52 22.26 13.81
CA PRO A 507 -13.41 21.16 13.44
C PRO A 507 -13.13 19.90 14.27
N GLY A 508 -14.19 19.12 14.49
CA GLY A 508 -14.02 17.85 15.15
C GLY A 508 -13.18 16.90 14.32
N VAL A 509 -12.33 16.13 15.01
CA VAL A 509 -11.67 14.99 14.39
C VAL A 509 -12.64 13.82 14.39
N TYR A 510 -13.63 13.88 13.50
CA TYR A 510 -14.63 12.83 13.44
C TYR A 510 -13.98 11.50 13.03
N PRO A 511 -14.37 10.40 13.66
CA PRO A 511 -14.07 9.10 13.06
C PRO A 511 -14.84 8.94 11.76
N PRO A 512 -14.32 8.14 10.83
CA PRO A 512 -14.94 8.07 9.51
C PRO A 512 -16.26 7.33 9.56
N HIS A 513 -17.06 7.53 8.52
CA HIS A 513 -18.39 6.95 8.46
C HIS A 513 -18.38 5.68 7.62
N ALA A 514 -19.13 4.69 8.08
CA ALA A 514 -19.36 3.45 7.35
C ALA A 514 -20.58 3.57 6.45
N ALA A 515 -20.61 2.71 5.43
CA ALA A 515 -21.79 2.64 4.57
C ALA A 515 -23.02 2.19 5.36
N GLY A 516 -22.85 1.18 6.22
CA GLY A 516 -23.86 0.83 7.19
C GLY A 516 -23.36 1.05 8.61
N HIS A 517 -24.25 1.54 9.47
CA HIS A 517 -23.98 1.69 10.90
C HIS A 517 -22.64 2.36 11.18
N LEU A 518 -21.74 1.69 11.88
CA LEU A 518 -20.46 2.26 12.31
C LEU A 518 -19.30 1.38 11.90
N PRO A 519 -18.16 1.98 11.55
CA PRO A 519 -16.97 1.19 11.22
C PRO A 519 -16.19 0.75 12.46
N TYR A 520 -15.36 -0.28 12.25
CA TYR A 520 -14.37 -0.74 13.22
C TYR A 520 -14.97 -1.24 14.54
N VAL A 521 -16.29 -1.28 14.63
CA VAL A 521 -16.97 -1.85 15.79
C VAL A 521 -17.66 -3.12 15.33
N LEU A 522 -17.46 -4.22 16.05
CA LEU A 522 -18.28 -5.39 15.83
C LEU A 522 -19.69 -5.11 16.32
N TYR A 523 -20.65 -5.22 15.41
CA TYR A 523 -22.05 -5.02 15.74
C TYR A 523 -22.86 -6.20 15.24
N ASP A 524 -24.05 -6.37 15.83
CA ASP A 524 -25.01 -7.35 15.35
C ASP A 524 -25.82 -6.71 14.21
N PRO A 525 -25.62 -7.19 12.98
CA PRO A 525 -26.33 -6.57 11.84
C PRO A 525 -27.83 -6.81 11.83
N THR A 526 -28.33 -7.76 12.63
CA THR A 526 -29.77 -7.94 12.76
C THR A 526 -30.42 -6.90 13.66
N ALA A 527 -29.64 -6.11 14.39
CA ALA A 527 -30.19 -5.03 15.20
C ALA A 527 -30.41 -3.75 14.39
N THR A 528 -29.79 -3.63 13.22
CA THR A 528 -29.73 -2.39 12.48
C THR A 528 -30.37 -2.56 11.11
N ASP A 529 -30.98 -1.48 10.62
CA ASP A 529 -31.57 -1.42 9.29
C ASP A 529 -30.54 -1.18 8.19
N ALA A 530 -29.26 -1.09 8.53
CA ALA A 530 -28.22 -1.03 7.51
C ALA A 530 -28.26 -2.26 6.61
N LYS A 531 -27.77 -2.09 5.38
CA LYS A 531 -27.86 -3.09 4.33
C LYS A 531 -26.53 -3.77 4.04
N GLN A 532 -25.58 -3.71 4.98
CA GLN A 532 -24.25 -4.27 4.83
C GLN A 532 -24.11 -5.61 5.55
N HIS A 533 -25.16 -6.44 5.51
CA HIS A 533 -25.12 -7.77 6.11
C HIS A 533 -23.98 -8.62 5.58
N HIS A 534 -23.57 -8.41 4.32
CA HIS A 534 -22.45 -9.16 3.77
C HIS A 534 -21.14 -8.90 4.52
N ARG A 535 -21.06 -7.79 5.26
CA ARG A 535 -19.91 -7.52 6.11
C ARG A 535 -20.02 -8.18 7.48
N HIS A 536 -21.12 -8.87 7.76
CA HIS A 536 -21.29 -9.63 9.01
C HIS A 536 -21.05 -8.79 10.26
N GLY A 537 -21.40 -7.50 10.19
CA GLY A 537 -21.33 -6.64 11.34
C GLY A 537 -19.96 -6.13 11.72
N TYR A 538 -18.93 -6.32 10.90
CA TYR A 538 -17.69 -5.59 11.05
C TYR A 538 -17.41 -4.88 9.73
N GLU A 539 -17.27 -3.57 9.78
CA GLU A 539 -17.41 -2.73 8.61
C GLU A 539 -16.24 -1.75 8.50
N LYS A 540 -15.73 -1.59 7.30
CA LYS A 540 -14.83 -0.49 7.00
C LYS A 540 -15.63 0.77 6.71
N PRO A 541 -15.04 1.94 6.96
CA PRO A 541 -15.65 3.17 6.45
C PRO A 541 -15.65 3.18 4.94
N GLU A 542 -16.60 3.93 4.38
CA GLU A 542 -16.68 4.05 2.92
C GLU A 542 -15.75 5.13 2.39
N GLU A 543 -15.43 6.14 3.19
CA GLU A 543 -14.27 6.98 2.96
C GLU A 543 -13.01 6.36 3.56
N LEU A 544 -11.87 6.66 2.95
CA LEU A 544 -10.60 6.42 3.61
C LEU A 544 -10.33 7.52 4.63
N TRP A 545 -9.80 7.12 5.77
CA TRP A 545 -9.69 7.97 6.95
C TRP A 545 -8.38 8.77 6.88
N THR A 546 -8.49 10.09 6.70
CA THR A 546 -7.40 10.87 6.10
C THR A 546 -6.70 11.88 7.00
N ALA A 547 -7.11 12.08 8.24
CA ALA A 547 -6.65 13.22 9.07
C ALA A 547 -6.99 14.56 8.42
N LYS A 548 -6.18 15.59 8.72
CA LYS A 548 -6.29 16.96 8.19
C LYS A 548 -7.60 17.66 8.53
N SER A 549 -8.27 17.22 9.59
CA SER A 549 -9.52 17.87 9.98
C SER A 549 -9.26 19.24 10.60
N ARG A 550 -8.21 19.36 11.41
CA ARG A 550 -7.83 20.66 11.97
C ARG A 550 -7.04 21.50 10.96
N VAL A 551 -7.24 22.80 11.04
CA VAL A 551 -6.78 23.73 10.01
C VAL A 551 -6.10 24.93 10.64
N HIS A 552 -5.16 25.50 9.91
CA HIS A 552 -4.34 26.62 10.35
C HIS A 552 -4.28 27.62 9.21
N PRO A 553 -4.03 28.89 9.51
CA PRO A 553 -3.91 29.88 8.44
C PRO A 553 -2.66 29.65 7.61
N LEU A 554 -2.62 30.34 6.48
CA LEU A 554 -1.41 30.43 5.68
C LEU A 554 -0.58 31.66 6.07
#